data_7JPI
#
_entry.id   7JPI
#
_cell.length_a   114.583
_cell.length_b   114.583
_cell.length_c   312.379
_cell.angle_alpha   90.000
_cell.angle_beta   90.000
_cell.angle_gamma   120.000
#
_symmetry.space_group_name_H-M   'H 3 2'
#
loop_
_entity.id
_entity.type
_entity.pdbx_description
1 polymer 'Envelope glycoprotein'
2 polymer 'Envelope glycoprotein'
3 branched 2-acetamido-2-deoxy-beta-D-glucopyranose-(1-4)-2-acetamido-2-deoxy-beta-D-glucopyranose
4 branched alpha-D-mannopyranose-(1-3)-alpha-D-mannopyranose-(1-6)-[alpha-D-mannopyranose-(1-3)]beta-D-mannopyranose-(1-4)-2-acetamido-2-deoxy-beta-D-glucopyranose-(1-4)-2-acetamido-2-deoxy-beta-D-glucopyranose
5 non-polymer GLYCEROL
6 non-polymer 2-acetamido-2-deoxy-beta-D-glucopyranose
7 non-polymer 'PHOSPHATE ION'
8 water water
#
loop_
_entity_poly.entity_id
_entity_poly.type
_entity_poly.pdbx_seq_one_letter_code
_entity_poly.pdbx_strand_id
1 'polypeptide(L)'
;MGVTGILQLPRDRFKRTSFFLWVIILFQRTFSIPLGVIHNSALQVSDVDKLVCRDKLSSTNQLRSVGLNLEGNGVATDVP
SATKRWGFRSGVPPKVVNYEAGEWAENCYNLEIKKPDGSECLPAAPDGIRGFPRCRYVHKVSGTGPCAGDFAFHKEGAFF
LYDRLASTVIYRGTTFAEGVVAFLILPQAKKDFFSSHPLREPVNATEDPSSGYYSTTIRYQATGFGTNETEYLFEVDNLT
YVQLESRFTPQFLLQLNETIYTSGKRSNTTGKLIWKVNPEIDTTIGEWAFWET(UNK)(UNK)(UNK)(UNK)
;
A
2 'polypeptide(L)'
;EAIVNAQPKCNPNLHYWTTQDEGAAIGLAWIPYFGPAAEGIYIEGLMHNQDGLICGLRQLANETTQALQLFLRATTELRT
FSILNRKAIDFLLQRWGGTCHILGPDCCIEPHDLTKNITDKIDQIIHDFVDKTLPDASGYIPEAPRDGQAYVRKDGEWVL
LSTFL
;
B
#
# COMPACT_ATOMS: atom_id res chain seq x y z
N ILE A 33 -2.90 7.54 16.77
CA ILE A 33 -2.95 7.36 15.32
C ILE A 33 -4.05 8.23 14.71
N PRO A 34 -3.69 9.05 13.73
CA PRO A 34 -4.67 9.95 13.12
C PRO A 34 -5.78 9.17 12.42
N LEU A 35 -6.95 9.79 12.36
CA LEU A 35 -8.12 9.21 11.72
C LEU A 35 -8.71 10.22 10.75
N GLY A 36 -8.96 9.78 9.52
CA GLY A 36 -9.53 10.66 8.53
C GLY A 36 -11.04 10.74 8.67
N VAL A 37 -11.56 11.96 8.57
CA VAL A 37 -12.99 12.20 8.62
C VAL A 37 -13.34 13.26 7.58
N ILE A 38 -14.56 13.16 7.05
CA ILE A 38 -15.02 14.04 5.99
C ILE A 38 -15.98 15.05 6.60
N HIS A 39 -15.53 16.31 6.69
CA HIS A 39 -16.35 17.43 7.14
C HIS A 39 -16.27 18.53 6.10
N ASN A 40 -17.43 19.17 5.84
CA ASN A 40 -17.52 20.30 4.92
C ASN A 40 -16.92 19.96 3.55
N SER A 41 -17.24 18.76 3.06
CA SER A 41 -16.83 18.30 1.73
C SER A 41 -15.31 18.28 1.57
N ALA A 42 -14.59 18.01 2.67
CA ALA A 42 -13.14 17.94 2.64
C ALA A 42 -12.67 16.94 3.68
N LEU A 43 -11.64 16.18 3.34
CA LEU A 43 -11.03 15.25 4.28
C LEU A 43 -10.11 16.01 5.23
N GLN A 44 -10.19 15.70 6.52
CA GLN A 44 -9.33 16.30 7.51
C GLN A 44 -8.99 15.27 8.58
N VAL A 45 -8.05 15.64 9.45
CA VAL A 45 -7.56 14.75 10.50
C VAL A 45 -8.30 15.06 11.80
N SER A 46 -8.78 14.00 12.46
CA SER A 46 -9.39 14.09 13.77
C SER A 46 -9.43 12.69 14.36
N ASP A 47 -9.40 12.60 15.67
CA ASP A 47 -9.51 11.30 16.32
C ASP A 47 -10.92 11.11 16.86
N VAL A 48 -11.17 9.92 17.40
CA VAL A 48 -12.49 9.62 17.97
C VAL A 48 -12.76 10.48 19.20
N ASP A 49 -11.73 11.02 19.83
CA ASP A 49 -11.90 11.96 20.93
C ASP A 49 -12.14 13.39 20.47
N LYS A 50 -11.89 13.68 19.19
CA LYS A 50 -11.99 15.01 18.62
C LYS A 50 -13.32 15.24 17.91
N LEU A 51 -14.17 14.22 17.83
CA LEU A 51 -15.39 14.29 17.05
C LEU A 51 -16.49 15.03 17.81
N VAL A 52 -17.65 15.13 17.17
CA VAL A 52 -18.82 15.80 17.73
C VAL A 52 -20.02 14.89 17.51
N CYS A 53 -21.09 15.17 18.27
CA CYS A 53 -22.25 14.26 18.34
C CYS A 53 -22.87 14.04 16.96
N ARG A 54 -22.72 15.00 16.05
CA ARG A 54 -23.30 14.84 14.72
C ARG A 54 -22.58 13.76 13.93
N ASP A 55 -21.31 13.51 14.24
CA ASP A 55 -20.59 12.38 13.66
C ASP A 55 -21.22 11.08 14.15
N LYS A 56 -21.69 10.26 13.21
CA LYS A 56 -22.37 9.01 13.53
C LYS A 56 -21.53 7.83 13.05
N LEU A 57 -21.17 6.95 13.97
CA LEU A 57 -20.49 5.70 13.67
C LEU A 57 -21.45 4.57 14.07
N SER A 58 -22.27 4.14 13.11
CA SER A 58 -23.33 3.16 13.39
C SER A 58 -22.86 1.72 13.28
N SER A 59 -21.69 1.47 12.68
CA SER A 59 -21.12 0.13 12.63
C SER A 59 -19.65 0.24 12.27
N THR A 60 -18.89 -0.81 12.61
CA THR A 60 -17.46 -0.83 12.31
C THR A 60 -17.18 -0.93 10.82
N ASN A 61 -18.20 -1.24 10.00
CA ASN A 61 -18.03 -1.19 8.56
C ASN A 61 -17.69 0.20 8.06
N GLN A 62 -18.01 1.23 8.85
CA GLN A 62 -17.66 2.61 8.50
C GLN A 62 -16.20 2.93 8.76
N LEU A 63 -15.50 2.11 9.55
CA LEU A 63 -14.07 2.28 9.76
C LEU A 63 -13.31 1.48 8.70
N ARG A 64 -12.27 2.10 8.15
CA ARG A 64 -11.58 1.53 7.00
C ARG A 64 -10.09 1.83 7.09
N SER A 65 -9.27 0.83 6.79
CA SER A 65 -7.83 0.96 6.66
C SER A 65 -7.48 0.80 5.19
N VAL A 66 -6.78 1.80 4.63
CA VAL A 66 -6.47 1.85 3.21
C VAL A 66 -4.96 1.98 3.06
N GLY A 67 -4.38 1.16 2.16
CA GLY A 67 -2.99 1.27 1.82
C GLY A 67 -2.82 1.98 0.50
N LEU A 68 -2.04 3.06 0.51
CA LEU A 68 -1.79 3.88 -0.67
C LEU A 68 -0.36 3.68 -1.13
N ASN A 69 -0.18 3.55 -2.45
CA ASN A 69 1.11 3.22 -3.02
C ASN A 69 1.99 4.46 -3.13
N LEU A 70 3.28 4.31 -2.78
CA LEU A 70 4.21 5.43 -2.81
C LEU A 70 4.31 6.03 -4.21
N GLU A 71 4.18 5.19 -5.24
CA GLU A 71 4.28 5.68 -6.62
C GLU A 71 3.22 6.72 -6.93
N GLY A 72 2.08 6.67 -6.24
CA GLY A 72 1.04 7.67 -6.42
C GLY A 72 1.43 9.06 -5.98
N ASN A 73 2.56 9.21 -5.29
CA ASN A 73 3.07 10.50 -4.90
C ASN A 73 4.21 10.98 -5.80
N GLY A 74 4.53 10.22 -6.85
CA GLY A 74 5.50 10.66 -7.83
C GLY A 74 6.93 10.26 -7.58
N VAL A 75 7.17 9.29 -6.69
CA VAL A 75 8.54 8.84 -6.45
C VAL A 75 9.02 8.00 -7.63
N ALA A 76 10.34 7.96 -7.80
CA ALA A 76 10.93 7.17 -8.86
C ALA A 76 10.77 5.68 -8.55
N THR A 77 10.26 4.93 -9.53
CA THR A 77 9.93 3.52 -9.34
C THR A 77 10.91 2.58 -10.01
N ASP A 78 11.91 3.10 -10.72
CA ASP A 78 12.91 2.23 -11.33
C ASP A 78 13.69 1.50 -10.25
N VAL A 79 14.18 0.30 -10.61
CA VAL A 79 14.88 -0.55 -9.64
C VAL A 79 16.05 0.17 -8.96
N PRO A 80 16.94 0.87 -9.69
CA PRO A 80 18.03 1.56 -8.98
C PRO A 80 17.56 2.58 -7.96
N SER A 81 16.53 3.37 -8.31
CA SER A 81 16.05 4.38 -7.37
C SER A 81 15.30 3.75 -6.21
N ALA A 82 14.49 2.73 -6.49
CA ALA A 82 13.68 2.12 -5.43
C ALA A 82 14.53 1.40 -4.41
N THR A 83 15.56 0.68 -4.87
CA THR A 83 16.38 -0.09 -3.95
C THR A 83 17.20 0.80 -3.01
N LYS A 84 17.48 2.03 -3.43
CA LYS A 84 18.23 2.95 -2.58
C LYS A 84 17.43 3.39 -1.36
N ARG A 85 16.11 3.24 -1.39
CA ARG A 85 15.28 3.58 -0.25
C ARG A 85 15.25 2.49 0.82
N TRP A 86 15.94 1.37 0.60
CA TRP A 86 15.90 0.23 1.49
C TRP A 86 17.29 -0.07 2.02
N GLY A 87 17.34 -0.55 3.27
CA GLY A 87 18.62 -0.82 3.91
C GLY A 87 18.47 -1.83 5.03
N PHE A 88 19.59 -2.43 5.40
CA PHE A 88 19.61 -3.48 6.42
C PHE A 88 19.92 -2.88 7.79
N ARG A 89 19.33 -3.48 8.82
CA ARG A 89 19.46 -2.98 10.18
C ARG A 89 19.14 -4.10 11.15
N SER A 90 19.90 -4.19 12.24
CA SER A 90 19.66 -5.15 13.29
C SER A 90 19.22 -4.46 14.58
N GLY A 91 18.68 -5.24 15.49
CA GLY A 91 18.21 -4.74 16.77
C GLY A 91 16.77 -4.25 16.77
N VAL A 92 16.10 -4.24 15.62
CA VAL A 92 14.72 -3.76 15.53
C VAL A 92 13.81 -4.91 15.13
N PRO A 93 12.93 -5.36 16.02
CA PRO A 93 11.99 -6.45 15.67
C PRO A 93 11.02 -5.99 14.59
N PRO A 94 10.75 -6.83 13.60
CA PRO A 94 9.80 -6.46 12.54
C PRO A 94 8.38 -6.43 13.08
N LYS A 95 7.56 -5.60 12.44
CA LYS A 95 6.16 -5.43 12.82
C LYS A 95 5.28 -5.47 11.58
N VAL A 96 4.10 -6.06 11.73
CA VAL A 96 3.14 -6.22 10.64
C VAL A 96 1.81 -5.64 11.07
N VAL A 97 1.15 -4.91 10.17
CA VAL A 97 -0.15 -4.31 10.43
C VAL A 97 -1.08 -4.63 9.26
N ASN A 98 -2.35 -4.86 9.58
CA ASN A 98 -3.34 -5.20 8.57
C ASN A 98 -3.91 -3.95 7.92
N TYR A 99 -4.27 -4.08 6.64
CA TYR A 99 -5.05 -3.06 5.95
C TYR A 99 -6.04 -3.75 5.03
N GLU A 100 -7.23 -3.15 4.91
CA GLU A 100 -8.36 -3.80 4.26
C GLU A 100 -8.38 -3.58 2.75
N ALA A 101 -8.02 -2.39 2.28
CA ALA A 101 -8.06 -2.07 0.87
C ALA A 101 -6.73 -1.50 0.41
N GLY A 102 -6.31 -1.88 -0.80
CA GLY A 102 -5.08 -1.40 -1.38
C GLY A 102 -5.32 -0.80 -2.75
N GLU A 103 -4.22 -0.35 -3.36
CA GLU A 103 -4.26 0.33 -4.65
C GLU A 103 -3.54 -0.51 -5.69
N TRP A 104 -4.14 -0.63 -6.88
CA TRP A 104 -3.48 -1.28 -8.01
C TRP A 104 -2.13 -0.62 -8.26
N ALA A 105 -1.09 -1.44 -8.32
CA ALA A 105 0.27 -0.93 -8.46
C ALA A 105 0.79 -1.13 -9.87
N GLU A 106 1.55 -0.15 -10.35
CA GLU A 106 2.26 -0.33 -11.62
C GLU A 106 3.58 -1.06 -11.41
N ASN A 107 4.25 -0.77 -10.29
CA ASN A 107 5.57 -1.32 -10.01
C ASN A 107 5.55 -2.01 -8.66
N CYS A 108 5.87 -3.30 -8.67
CA CYS A 108 6.13 -4.08 -7.47
C CYS A 108 7.52 -4.69 -7.59
N TYR A 109 8.00 -5.23 -6.47
CA TYR A 109 9.36 -5.74 -6.40
C TYR A 109 9.37 -7.08 -5.67
N ASN A 110 10.35 -7.91 -6.04
CA ASN A 110 10.45 -9.28 -5.53
C ASN A 110 11.93 -9.61 -5.46
N LEU A 111 12.47 -9.72 -4.25
CA LEU A 111 13.92 -9.77 -4.05
C LEU A 111 14.38 -11.16 -3.64
N GLU A 112 15.43 -11.64 -4.28
CA GLU A 112 16.16 -12.84 -3.87
C GLU A 112 17.64 -12.43 -3.79
N ILE A 113 18.05 -11.98 -2.61
CA ILE A 113 19.41 -11.45 -2.40
C ILE A 113 20.14 -12.37 -1.44
N LYS A 114 21.36 -12.73 -1.79
CA LYS A 114 22.23 -13.55 -0.95
C LYS A 114 23.50 -12.78 -0.62
N LYS A 115 24.20 -13.23 0.42
CA LYS A 115 25.54 -12.74 0.66
C LYS A 115 26.50 -13.39 -0.33
N PRO A 116 27.69 -12.80 -0.51
CA PRO A 116 28.68 -13.45 -1.39
C PRO A 116 28.97 -14.90 -1.01
N ASP A 117 28.80 -15.28 0.26
CA ASP A 117 29.02 -16.66 0.68
C ASP A 117 27.82 -17.55 0.39
N GLY A 118 26.74 -17.02 -0.14
CA GLY A 118 25.58 -17.81 -0.53
C GLY A 118 24.46 -17.88 0.48
N SER A 119 24.60 -17.23 1.63
CA SER A 119 23.55 -17.25 2.64
C SER A 119 22.48 -16.22 2.33
N GLU A 120 21.25 -16.56 2.70
CA GLU A 120 20.11 -15.70 2.39
C GLU A 120 20.18 -14.41 3.19
N CYS A 121 19.86 -13.31 2.52
CA CYS A 121 19.80 -12.00 3.17
C CYS A 121 18.44 -11.67 3.74
N LEU A 122 17.38 -12.27 3.20
CA LEU A 122 16.02 -11.93 3.58
C LEU A 122 15.31 -13.13 4.17
N PRO A 123 14.48 -12.94 5.18
CA PRO A 123 13.78 -14.09 5.77
C PRO A 123 12.65 -14.58 4.88
N ALA A 124 12.34 -15.86 5.00
CA ALA A 124 11.20 -16.41 4.29
C ALA A 124 9.92 -15.74 4.75
N ALA A 125 8.96 -15.64 3.85
CA ALA A 125 7.70 -14.99 4.16
C ALA A 125 7.00 -15.73 5.30
N PRO A 126 6.64 -15.05 6.39
CA PRO A 126 5.90 -15.72 7.47
C PRO A 126 4.58 -16.28 6.95
N ASP A 127 4.06 -17.25 7.70
CA ASP A 127 2.83 -17.92 7.30
C ASP A 127 1.68 -16.93 7.20
N GLY A 128 1.02 -16.90 6.04
CA GLY A 128 -0.10 -16.02 5.82
C GLY A 128 0.22 -14.71 5.16
N ILE A 129 1.49 -14.44 4.86
CA ILE A 129 1.90 -13.21 4.19
C ILE A 129 2.19 -13.54 2.73
N ARG A 130 1.28 -13.14 1.85
CA ARG A 130 1.42 -13.38 0.41
C ARG A 130 1.80 -12.08 -0.29
N GLY A 131 2.14 -12.21 -1.57
CA GLY A 131 2.56 -11.07 -2.34
C GLY A 131 1.43 -10.09 -2.60
N PHE A 132 1.82 -8.84 -2.87
CA PHE A 132 0.87 -7.80 -3.24
C PHE A 132 0.07 -8.26 -4.45
N PRO A 133 -1.26 -8.15 -4.43
CA PRO A 133 -2.09 -8.85 -5.42
C PRO A 133 -2.32 -8.15 -6.75
N ARG A 134 -1.96 -6.87 -6.90
CA ARG A 134 -2.22 -6.13 -8.14
C ARG A 134 -0.95 -5.39 -8.54
N CYS A 135 -0.20 -5.97 -9.48
CA CYS A 135 1.08 -5.43 -9.91
C CYS A 135 1.16 -5.49 -11.43
N ARG A 136 1.17 -4.33 -12.09
CA ARG A 136 1.36 -4.31 -13.53
C ARG A 136 2.72 -4.87 -13.91
N TYR A 137 3.76 -4.48 -13.19
CA TYR A 137 5.11 -4.98 -13.41
C TYR A 137 5.69 -5.43 -12.08
N VAL A 138 6.23 -6.65 -12.05
CA VAL A 138 6.91 -7.19 -10.88
C VAL A 138 8.39 -7.21 -11.19
N HIS A 139 9.15 -6.32 -10.54
CA HIS A 139 10.59 -6.24 -10.74
C HIS A 139 11.25 -7.28 -9.84
N LYS A 140 11.53 -8.45 -10.41
CA LYS A 140 12.13 -9.55 -9.66
C LYS A 140 13.64 -9.43 -9.75
N VAL A 141 14.29 -9.20 -8.61
CA VAL A 141 15.71 -8.91 -8.55
C VAL A 141 16.41 -10.07 -7.82
N SER A 142 17.37 -10.68 -8.50
CA SER A 142 18.25 -11.67 -7.91
C SER A 142 19.67 -11.13 -7.91
N GLY A 143 20.45 -11.52 -6.91
CA GLY A 143 21.83 -11.08 -6.88
C GLY A 143 22.38 -11.13 -5.45
N THR A 144 23.47 -10.39 -5.25
CA THR A 144 24.23 -10.44 -4.02
C THR A 144 24.49 -9.05 -3.47
N GLY A 145 24.82 -9.01 -2.18
CA GLY A 145 25.19 -7.80 -1.48
C GLY A 145 25.69 -8.15 -0.09
N PRO A 146 26.32 -7.18 0.58
CA PRO A 146 26.83 -7.48 1.94
C PRO A 146 25.71 -7.75 2.94
N CYS A 147 24.60 -7.04 2.83
CA CYS A 147 23.44 -7.23 3.71
C CYS A 147 23.83 -7.09 5.18
N ALA A 148 24.29 -5.89 5.53
CA ALA A 148 24.83 -5.64 6.87
C ALA A 148 23.70 -5.33 7.84
N GLY A 149 22.90 -6.36 8.11
CA GLY A 149 21.78 -6.24 9.03
C GLY A 149 20.84 -7.42 8.95
N ASP A 150 20.08 -7.63 10.02
CA ASP A 150 19.20 -8.79 10.10
C ASP A 150 17.93 -8.62 9.27
N PHE A 151 17.46 -7.38 9.09
CA PHE A 151 16.23 -7.14 8.34
C PHE A 151 16.39 -5.90 7.47
N ALA A 152 15.68 -5.91 6.35
CA ALA A 152 15.73 -4.82 5.37
C ALA A 152 14.54 -3.90 5.58
N PHE A 153 14.82 -2.65 5.95
CA PHE A 153 13.77 -1.68 6.27
C PHE A 153 13.67 -0.63 5.16
N HIS A 154 12.67 0.24 5.31
CA HIS A 154 12.47 1.37 4.42
C HIS A 154 13.09 2.60 5.06
N LYS A 155 14.10 3.17 4.40
CA LYS A 155 14.84 4.29 4.96
C LYS A 155 13.98 5.52 5.21
N GLU A 156 12.88 5.67 4.48
CA GLU A 156 12.00 6.82 4.61
C GLU A 156 10.81 6.54 5.52
N GLY A 157 10.80 5.39 6.20
CA GLY A 157 9.75 5.07 7.14
C GLY A 157 8.51 4.44 6.53
N ALA A 158 8.46 4.28 5.20
CA ALA A 158 7.30 3.69 4.56
C ALA A 158 7.19 2.21 4.90
N PHE A 159 6.12 1.59 4.43
CA PHE A 159 5.88 0.17 4.65
C PHE A 159 6.04 -0.60 3.35
N PHE A 160 6.27 -1.91 3.50
CA PHE A 160 6.28 -2.84 2.38
C PHE A 160 4.92 -3.54 2.37
N LEU A 161 4.10 -3.20 1.38
CA LEU A 161 2.71 -3.65 1.34
C LEU A 161 2.64 -5.03 0.69
N TYR A 162 2.10 -6.00 1.41
CA TYR A 162 1.84 -7.33 0.91
C TYR A 162 0.33 -7.52 0.76
N ASP A 163 -0.12 -8.77 0.77
CA ASP A 163 -1.55 -9.07 0.64
C ASP A 163 -2.30 -8.66 1.90
N ARG A 164 -2.80 -7.44 1.95
CA ARG A 164 -3.58 -6.91 3.07
C ARG A 164 -2.78 -6.92 4.37
N LEU A 165 -1.46 -7.02 4.29
CA LEU A 165 -0.58 -6.94 5.44
C LEU A 165 0.60 -6.04 5.08
N ALA A 166 0.83 -5.02 5.90
CA ALA A 166 1.94 -4.09 5.73
C ALA A 166 3.01 -4.41 6.76
N SER A 167 4.24 -4.60 6.31
CA SER A 167 5.36 -4.95 7.18
C SER A 167 6.45 -3.88 7.09
N THR A 168 7.22 -3.78 8.18
CA THR A 168 8.36 -2.87 8.22
C THR A 168 9.57 -3.43 7.48
N VAL A 169 9.58 -4.72 7.12
CA VAL A 169 10.74 -5.37 6.55
C VAL A 169 10.36 -6.07 5.25
N ILE A 170 11.38 -6.46 4.50
CA ILE A 170 11.23 -7.18 3.24
C ILE A 170 11.39 -8.66 3.49
N TYR A 171 10.50 -9.46 2.91
CA TYR A 171 10.60 -10.91 2.98
C TYR A 171 11.11 -11.46 1.65
N ARG A 172 11.79 -12.60 1.74
CA ARG A 172 12.42 -13.19 0.57
C ARG A 172 11.39 -13.63 -0.45
N GLY A 173 11.67 -13.31 -1.72
CA GLY A 173 10.87 -13.80 -2.84
C GLY A 173 9.39 -13.52 -2.74
N THR A 174 9.01 -12.42 -2.09
CA THR A 174 7.62 -12.08 -1.87
C THR A 174 7.35 -10.71 -2.47
N THR A 175 6.37 -10.64 -3.38
CA THR A 175 6.12 -9.43 -4.13
C THR A 175 5.48 -8.36 -3.24
N PHE A 176 6.04 -7.15 -3.28
CA PHE A 176 5.54 -6.05 -2.46
C PHE A 176 5.50 -4.77 -3.27
N ALA A 177 4.70 -3.83 -2.78
CA ALA A 177 4.69 -2.46 -3.25
C ALA A 177 5.00 -1.55 -2.06
N GLU A 178 5.77 -0.48 -2.32
CA GLU A 178 6.02 0.50 -1.27
C GLU A 178 4.76 1.32 -1.04
N GLY A 179 4.41 1.54 0.23
CA GLY A 179 3.19 2.27 0.49
C GLY A 179 3.06 2.67 1.95
N VAL A 180 1.94 3.33 2.24
CA VAL A 180 1.62 3.82 3.57
C VAL A 180 0.13 3.62 3.81
N VAL A 181 -0.26 3.65 5.08
CA VAL A 181 -1.61 3.27 5.50
C VAL A 181 -2.34 4.47 6.08
N ALA A 182 -3.61 4.62 5.71
CA ALA A 182 -4.49 5.64 6.27
C ALA A 182 -5.69 4.95 6.91
N PHE A 183 -6.26 5.60 7.93
CA PHE A 183 -7.41 5.09 8.65
C PHE A 183 -8.54 6.10 8.54
N LEU A 184 -9.72 5.62 8.15
CA LEU A 184 -10.86 6.48 7.83
C LEU A 184 -12.08 6.06 8.62
N ILE A 185 -12.88 7.06 9.01
CA ILE A 185 -14.27 6.85 9.39
C ILE A 185 -15.13 7.48 8.30
N LEU A 186 -15.98 6.67 7.69
CA LEU A 186 -16.81 7.13 6.59
C LEU A 186 -18.23 7.41 7.06
N PRO A 187 -18.88 8.44 6.51
CA PRO A 187 -20.31 8.62 6.78
C PRO A 187 -21.11 7.48 6.16
N GLN A 188 -22.31 7.27 6.73
CA GLN A 188 -23.16 6.19 6.24
C GLN A 188 -23.46 6.33 4.76
N ALA A 189 -23.61 7.57 4.29
CA ALA A 189 -23.86 7.79 2.86
C ALA A 189 -22.72 7.29 1.99
N LYS A 190 -21.52 7.16 2.55
CA LYS A 190 -20.34 6.73 1.80
C LYS A 190 -19.72 5.47 2.39
N LYS A 191 -20.51 4.66 3.09
CA LYS A 191 -20.03 3.43 3.70
C LYS A 191 -19.48 2.44 2.69
N ASP A 192 -19.76 2.63 1.40
CA ASP A 192 -19.28 1.74 0.35
C ASP A 192 -17.89 2.11 -0.15
N PHE A 193 -17.34 3.24 0.28
CA PHE A 193 -16.04 3.69 -0.21
C PHE A 193 -14.97 2.64 0.09
N PHE A 194 -14.12 2.38 -0.90
CA PHE A 194 -13.04 1.41 -0.78
C PHE A 194 -13.56 0.05 -0.33
N SER A 195 -14.76 -0.32 -0.78
CA SER A 195 -15.36 -1.58 -0.41
C SER A 195 -16.31 -2.06 -1.50
N SER A 196 -17.43 -2.67 -1.12
CA SER A 196 -18.37 -3.27 -2.05
C SER A 196 -19.51 -2.31 -2.39
N HIS A 197 -20.20 -2.61 -3.49
CA HIS A 197 -21.28 -1.79 -4.04
C HIS A 197 -22.46 -2.71 -4.35
N PRO A 198 -23.65 -2.15 -4.66
CA PRO A 198 -24.77 -3.03 -5.04
C PRO A 198 -24.51 -3.83 -6.31
N GLY A 212 -9.24 -5.82 -17.27
CA GLY A 212 -8.76 -7.03 -16.63
C GLY A 212 -7.44 -6.83 -15.91
N TYR A 213 -6.98 -7.88 -15.23
CA TYR A 213 -5.72 -7.83 -14.50
C TYR A 213 -4.65 -8.57 -15.30
N TYR A 214 -3.56 -7.86 -15.61
CA TYR A 214 -2.42 -8.44 -16.30
C TYR A 214 -1.15 -8.04 -15.56
N SER A 215 -0.28 -9.01 -15.32
CA SER A 215 0.98 -8.79 -14.61
C SER A 215 2.13 -9.32 -15.45
N THR A 216 3.21 -8.53 -15.53
CA THR A 216 4.38 -8.88 -16.31
C THR A 216 5.62 -8.83 -15.42
N THR A 217 6.38 -9.92 -15.39
CA THR A 217 7.58 -10.01 -14.58
C THR A 217 8.78 -9.49 -15.35
N ILE A 218 9.59 -8.66 -14.70
CA ILE A 218 10.82 -8.12 -15.27
C ILE A 218 11.95 -8.55 -14.35
N ARG A 219 12.93 -9.26 -14.90
CA ARG A 219 13.97 -9.91 -14.12
C ARG A 219 15.29 -9.15 -14.21
N TYR A 220 16.01 -9.08 -13.09
CA TYR A 220 17.26 -8.35 -12.99
C TYR A 220 18.28 -9.17 -12.22
N GLN A 221 19.55 -8.91 -12.53
CA GLN A 221 20.66 -9.40 -11.71
CA GLN A 221 20.69 -9.40 -11.75
C GLN A 221 21.34 -8.23 -11.03
N ALA A 222 21.74 -8.44 -9.78
CA ALA A 222 22.33 -7.36 -8.98
C ALA A 222 23.64 -7.81 -8.35
N THR A 223 24.58 -6.87 -8.27
CA THR A 223 25.78 -7.03 -7.46
C THR A 223 25.91 -5.81 -6.58
N GLY A 224 26.46 -6.01 -5.38
CA GLY A 224 26.57 -4.91 -4.43
C GLY A 224 25.24 -4.33 -4.03
N PHE A 225 24.22 -5.18 -3.90
CA PHE A 225 22.90 -4.73 -3.48
C PHE A 225 22.96 -4.07 -2.11
N GLY A 226 22.33 -2.91 -1.99
CA GLY A 226 22.27 -2.20 -0.72
C GLY A 226 23.39 -1.20 -0.48
N THR A 227 24.26 -0.99 -1.46
CA THR A 227 25.39 -0.07 -1.32
C THR A 227 25.30 1.02 -2.38
N ASN A 228 26.18 2.01 -2.26
CA ASN A 228 26.37 3.02 -3.31
C ASN A 228 27.15 2.48 -4.50
N GLU A 229 27.34 1.15 -4.56
CA GLU A 229 28.23 0.50 -5.51
C GLU A 229 27.44 -0.47 -6.41
N THR A 230 26.12 -0.39 -6.39
CA THR A 230 25.26 -1.44 -6.93
C THR A 230 25.22 -1.42 -8.45
N GLU A 231 25.21 -2.61 -9.05
CA GLU A 231 25.15 -2.81 -10.49
C GLU A 231 23.96 -3.70 -10.82
N TYR A 232 23.19 -3.31 -11.84
CA TYR A 232 22.02 -4.05 -12.26
C TYR A 232 22.11 -4.43 -13.73
N LEU A 233 21.58 -5.61 -14.06
CA LEU A 233 21.50 -6.08 -15.44
C LEU A 233 20.08 -6.55 -15.72
N PHE A 234 19.50 -6.07 -16.81
CA PHE A 234 18.19 -6.54 -17.25
C PHE A 234 18.34 -7.86 -17.99
N GLU A 235 17.55 -8.85 -17.62
CA GLU A 235 17.68 -10.19 -18.18
C GLU A 235 16.78 -10.34 -19.39
N VAL A 236 17.38 -10.59 -20.55
CA VAL A 236 16.63 -10.93 -21.75
C VAL A 236 16.43 -12.43 -21.87
N ASP A 237 17.51 -13.20 -21.71
CA ASP A 237 17.42 -14.64 -21.49
C ASP A 237 18.53 -15.03 -20.52
N ASN A 238 18.78 -16.34 -20.40
CA ASN A 238 19.78 -16.83 -19.46
C ASN A 238 21.18 -16.34 -19.78
N LEU A 239 21.44 -15.93 -21.02
CA LEU A 239 22.77 -15.52 -21.44
C LEU A 239 22.84 -14.13 -22.03
N THR A 240 21.71 -13.42 -22.18
CA THR A 240 21.67 -12.10 -22.78
C THR A 240 21.18 -11.10 -21.75
N TYR A 241 21.99 -10.08 -21.48
CA TYR A 241 21.67 -9.09 -20.47
C TYR A 241 21.95 -7.68 -20.98
N VAL A 242 21.24 -6.71 -20.39
CA VAL A 242 21.37 -5.30 -20.75
C VAL A 242 21.74 -4.53 -19.49
N GLN A 243 22.78 -3.69 -19.60
CA GLN A 243 23.14 -2.81 -18.50
C GLN A 243 21.98 -1.88 -18.19
N LEU A 244 21.59 -1.84 -16.92
CA LEU A 244 20.38 -1.13 -16.52
C LEU A 244 20.66 0.35 -16.28
N GLU A 245 19.70 1.18 -16.67
CA GLU A 245 19.76 2.62 -16.46
C GLU A 245 18.51 3.05 -15.69
N SER A 246 18.67 4.08 -14.86
CA SER A 246 17.54 4.61 -14.09
C SER A 246 16.41 5.06 -15.00
N ARG A 247 16.75 5.70 -16.12
CA ARG A 247 15.76 6.25 -17.04
C ARG A 247 14.96 5.17 -17.77
N PHE A 248 15.35 3.91 -17.66
CA PHE A 248 14.65 2.84 -18.36
C PHE A 248 13.30 2.56 -17.70
N THR A 249 12.22 2.81 -18.41
CA THR A 249 10.89 2.50 -17.93
C THR A 249 10.58 1.03 -18.16
N PRO A 250 9.57 0.49 -17.45
CA PRO A 250 9.16 -0.91 -17.75
C PRO A 250 8.84 -1.14 -19.20
N GLN A 251 7.98 -0.30 -19.80
CA GLN A 251 7.62 -0.48 -21.20
C GLN A 251 8.85 -0.48 -22.10
N PHE A 252 9.80 0.43 -21.84
CA PHE A 252 11.01 0.48 -22.66
C PHE A 252 11.81 -0.81 -22.55
N LEU A 253 11.96 -1.34 -21.32
CA LEU A 253 12.65 -2.60 -21.14
C LEU A 253 11.95 -3.72 -21.89
N LEU A 254 10.62 -3.69 -21.93
CA LEU A 254 9.88 -4.73 -22.66
C LEU A 254 10.07 -4.59 -24.17
N GLN A 255 9.99 -3.36 -24.69
CA GLN A 255 10.25 -3.15 -26.11
C GLN A 255 11.69 -3.48 -26.45
N LEU A 256 12.64 -3.10 -25.59
CA LEU A 256 14.03 -3.44 -25.81
C LEU A 256 14.23 -4.95 -25.82
N ASN A 257 13.46 -5.67 -24.99
CA ASN A 257 13.53 -7.13 -24.99
C ASN A 257 13.01 -7.71 -26.29
N GLU A 258 11.94 -7.13 -26.85
CA GLU A 258 11.37 -7.66 -28.08
C GLU A 258 12.26 -7.39 -29.28
N THR A 259 12.94 -6.23 -29.29
CA THR A 259 13.87 -5.93 -30.37
C THR A 259 15.03 -6.91 -30.40
N ILE A 260 15.66 -7.13 -29.25
CA ILE A 260 16.81 -8.02 -29.15
C ILE A 260 16.44 -9.43 -29.59
N TYR A 261 15.21 -9.87 -29.30
CA TYR A 261 14.76 -11.18 -29.76
C TYR A 261 14.60 -11.20 -31.27
N THR A 262 13.83 -10.26 -31.81
CA THR A 262 13.50 -10.32 -33.24
C THR A 262 14.68 -9.93 -34.12
N SER A 263 15.60 -9.09 -33.61
CA SER A 263 16.75 -8.65 -34.38
C SER A 263 18.00 -9.48 -34.11
N GLY A 264 17.84 -10.66 -33.53
CA GLY A 264 18.94 -11.60 -33.41
C GLY A 264 20.14 -11.09 -32.63
N LYS A 265 19.90 -10.28 -31.60
CA LYS A 265 20.98 -9.79 -30.74
C LYS A 265 21.14 -10.63 -29.48
N ARG A 266 20.55 -11.82 -29.45
CA ARG A 266 20.67 -12.72 -28.31
C ARG A 266 21.94 -13.54 -28.43
N SER A 267 22.50 -13.91 -27.28
CA SER A 267 23.76 -14.66 -27.24
C SER A 267 23.61 -16.02 -27.91
N ASN A 268 24.23 -16.17 -29.08
CA ASN A 268 24.31 -17.46 -29.75
C ASN A 268 25.52 -18.27 -29.31
N THR A 269 26.38 -17.69 -28.47
CA THR A 269 27.45 -18.40 -27.79
C THR A 269 26.91 -19.04 -26.50
N THR A 270 27.64 -20.04 -26.01
CA THR A 270 27.35 -20.63 -24.72
C THR A 270 27.72 -19.73 -23.54
N GLY A 271 28.10 -18.47 -23.80
CA GLY A 271 28.56 -17.57 -22.76
C GLY A 271 27.70 -16.32 -22.64
N LYS A 272 28.00 -15.54 -21.59
CA LYS A 272 27.19 -14.39 -21.22
C LYS A 272 27.46 -13.23 -22.17
N LEU A 273 26.39 -12.58 -22.62
CA LEU A 273 26.46 -11.43 -23.52
C LEU A 273 25.75 -10.24 -22.86
N ILE A 274 26.48 -9.16 -22.66
CA ILE A 274 25.96 -7.96 -22.00
C ILE A 274 25.93 -6.83 -23.01
N TRP A 275 24.76 -6.21 -23.16
CA TRP A 275 24.58 -5.07 -24.06
C TRP A 275 24.53 -3.76 -23.28
N LYS A 276 24.95 -2.68 -23.94
CA LYS A 276 24.77 -1.34 -23.43
C LYS A 276 23.95 -0.52 -24.42
N VAL A 277 23.12 0.38 -23.89
CA VAL A 277 22.25 1.23 -24.69
C VAL A 277 22.92 2.59 -24.83
N ASN A 278 23.11 3.03 -26.07
CA ASN A 278 23.78 4.29 -26.32
C ASN A 278 22.94 5.45 -25.76
N PRO A 279 23.58 6.47 -25.17
CA PRO A 279 22.81 7.49 -24.44
C PRO A 279 22.04 8.47 -25.31
N GLU A 280 22.30 8.53 -26.61
CA GLU A 280 21.56 9.50 -27.42
C GLU A 280 20.11 9.09 -27.66
N ILE A 281 19.69 7.94 -27.13
CA ILE A 281 18.28 7.59 -27.11
C ILE A 281 17.64 8.24 -25.89
N ASP A 282 16.44 8.79 -26.07
CA ASP A 282 15.76 9.55 -25.03
C ASP A 282 14.56 8.72 -24.57
N THR A 283 14.61 8.25 -23.33
CA THR A 283 13.54 7.45 -22.76
C THR A 283 12.64 8.31 -21.88
N GLU A 287 9.44 15.51 -15.38
CA GLU A 287 8.92 14.55 -16.35
C GLU A 287 7.50 14.10 -15.98
N TRP A 288 7.00 13.11 -16.71
CA TRP A 288 5.63 12.64 -16.55
C TRP A 288 5.58 11.38 -15.69
N ALA A 289 4.48 11.22 -14.98
CA ALA A 289 4.22 10.03 -14.17
C ALA A 289 3.45 9.00 -14.99
N PHE A 290 3.39 7.77 -14.46
CA PHE A 290 2.85 6.67 -15.26
C PHE A 290 1.36 6.86 -15.57
N TRP A 291 0.62 7.49 -14.67
CA TRP A 291 -0.81 7.70 -14.92
C TRP A 291 -1.08 8.85 -15.86
N GLU A 292 -0.11 9.74 -16.07
CA GLU A 292 -0.24 10.79 -17.07
C GLU A 292 0.06 10.26 -18.46
N THR A 293 1.29 9.79 -18.67
CA THR A 293 1.67 9.16 -19.92
C THR A 293 1.29 7.67 -19.92
N UNK A 294 30.53 -6.73 -23.17
CA UNK A 294 30.69 -5.28 -23.10
C UNK A 294 30.29 -4.63 -24.42
N UNK A 295 29.78 -5.42 -25.35
CA UNK A 295 29.30 -4.89 -26.61
C UNK A 295 28.21 -3.86 -26.37
N UNK A 296 28.30 -2.72 -27.07
CA UNK A 296 27.51 -1.54 -26.74
C UNK A 296 26.71 -1.06 -27.95
N UNK A 297 25.80 -1.89 -28.44
CA UNK A 297 24.89 -1.48 -29.52
C UNK A 297 23.54 -1.08 -28.93
N GLU B 1 -8.04 19.10 12.15
CA GLU B 1 -6.84 19.56 11.46
C GLU B 1 -6.93 19.25 9.97
N ALA B 2 -6.68 20.26 9.16
CA ALA B 2 -6.82 20.13 7.71
C ALA B 2 -5.68 19.31 7.12
N ILE B 3 -5.92 18.78 5.93
CA ILE B 3 -4.95 17.96 5.21
C ILE B 3 -4.56 18.70 3.95
N VAL B 4 -3.25 18.92 3.78
CA VAL B 4 -2.70 19.63 2.63
C VAL B 4 -1.73 18.70 1.94
N ASN B 5 -2.09 18.22 0.75
CA ASN B 5 -1.20 17.35 0.00
C ASN B 5 0.07 18.09 -0.38
N ALA B 6 1.19 17.73 0.23
CA ALA B 6 2.49 18.32 -0.05
C ALA B 6 3.42 17.36 -0.79
N GLN B 7 2.86 16.45 -1.55
CA GLN B 7 3.62 15.47 -2.30
C GLN B 7 4.07 16.04 -3.63
N PRO B 8 5.17 15.53 -4.19
CA PRO B 8 5.62 16.03 -5.51
C PRO B 8 4.55 15.90 -6.58
N LYS B 9 3.77 14.82 -6.55
CA LYS B 9 2.67 14.63 -7.49
C LYS B 9 1.54 13.90 -6.77
N CYS B 10 0.35 13.93 -7.37
CA CYS B 10 -0.80 13.18 -6.87
C CYS B 10 -1.49 12.50 -8.04
N ASN B 11 -1.58 11.18 -7.98
CA ASN B 11 -2.46 10.43 -8.87
C ASN B 11 -3.89 10.63 -8.40
N PRO B 12 -4.70 11.42 -9.10
CA PRO B 12 -6.02 11.81 -8.56
C PRO B 12 -7.08 10.73 -8.65
N ASN B 13 -6.76 9.54 -9.15
CA ASN B 13 -7.72 8.44 -9.23
C ASN B 13 -7.20 7.27 -8.43
N LEU B 14 -8.09 6.64 -7.67
CA LEU B 14 -7.74 5.49 -6.84
C LEU B 14 -8.40 4.25 -7.43
N HIS B 15 -7.63 3.50 -8.23
CA HIS B 15 -8.04 2.18 -8.68
C HIS B 15 -7.67 1.21 -7.56
N TYR B 16 -8.68 0.76 -6.81
CA TYR B 16 -8.43 0.02 -5.58
C TYR B 16 -8.88 -1.43 -5.72
N TRP B 17 -8.27 -2.29 -4.90
CA TRP B 17 -8.66 -3.67 -4.73
C TRP B 17 -8.96 -3.91 -3.26
N THR B 18 -9.88 -4.82 -2.99
CA THR B 18 -10.23 -5.18 -1.62
C THR B 18 -10.96 -6.51 -1.66
N THR B 19 -11.45 -6.94 -0.49
CA THR B 19 -12.31 -8.11 -0.36
C THR B 19 -13.64 -7.67 0.24
N GLN B 20 -14.62 -8.58 0.18
CA GLN B 20 -15.89 -8.39 0.87
C GLN B 20 -16.16 -9.61 1.73
N ASP B 21 -16.60 -9.38 2.96
CA ASP B 21 -16.81 -10.46 3.91
C ASP B 21 -17.91 -11.41 3.47
N GLU B 22 -18.80 -10.99 2.56
CA GLU B 22 -19.83 -11.89 2.05
C GLU B 22 -20.21 -11.43 0.65
N GLY B 23 -19.55 -12.00 -0.35
CA GLY B 23 -19.95 -11.82 -1.72
C GLY B 23 -21.18 -12.65 -2.05
N ALA B 24 -21.68 -12.45 -3.27
CA ALA B 24 -22.84 -13.20 -3.74
C ALA B 24 -22.36 -14.54 -4.29
N ALA B 25 -22.18 -15.49 -3.38
CA ALA B 25 -21.70 -16.81 -3.75
C ALA B 25 -22.74 -17.54 -4.60
N ILE B 26 -22.31 -18.06 -5.74
CA ILE B 26 -23.17 -18.77 -6.68
C ILE B 26 -22.97 -20.26 -6.50
N GLY B 27 -24.02 -20.95 -6.06
CA GLY B 27 -23.96 -22.39 -5.87
C GLY B 27 -23.07 -22.81 -4.73
N LEU B 28 -21.98 -23.51 -5.07
CA LEU B 28 -21.05 -24.04 -4.07
C LEU B 28 -19.74 -23.27 -4.01
N ALA B 29 -19.67 -22.10 -4.64
CA ALA B 29 -18.42 -21.35 -4.68
C ALA B 29 -18.00 -20.83 -3.30
N TRP B 30 -18.91 -20.80 -2.34
CA TRP B 30 -18.54 -20.40 -0.98
C TRP B 30 -17.78 -21.49 -0.25
N ILE B 31 -17.94 -22.75 -0.65
CA ILE B 31 -17.23 -23.86 -0.06
C ILE B 31 -15.75 -23.73 -0.40
N PRO B 32 -14.86 -23.71 0.60
CA PRO B 32 -13.43 -23.53 0.29
C PRO B 32 -12.87 -24.55 -0.67
N TYR B 33 -13.35 -25.80 -0.59
CA TYR B 33 -12.86 -26.83 -1.50
C TYR B 33 -13.20 -26.50 -2.95
N PHE B 34 -14.31 -25.81 -3.19
CA PHE B 34 -14.76 -25.50 -4.54
C PHE B 34 -14.49 -24.05 -4.94
N GLY B 35 -14.17 -23.18 -3.99
CA GLY B 35 -14.12 -21.77 -4.26
C GLY B 35 -12.83 -21.34 -4.93
N PRO B 36 -12.71 -20.03 -5.10
CA PRO B 36 -11.53 -19.48 -5.77
C PRO B 36 -10.28 -19.67 -4.94
N ALA B 37 -9.13 -19.59 -5.62
CA ALA B 37 -7.85 -19.62 -4.95
C ALA B 37 -7.58 -18.29 -4.25
N ALA B 38 -6.42 -18.19 -3.60
CA ALA B 38 -6.08 -16.97 -2.89
C ALA B 38 -6.04 -15.75 -3.81
N GLU B 39 -5.76 -15.97 -5.10
CA GLU B 39 -5.62 -14.88 -6.06
C GLU B 39 -6.96 -14.39 -6.61
N GLY B 40 -8.05 -15.12 -6.41
CA GLY B 40 -9.32 -14.76 -7.01
C GLY B 40 -10.40 -14.34 -6.04
N ILE B 41 -10.00 -13.82 -4.87
CA ILE B 41 -10.95 -13.39 -3.86
C ILE B 41 -11.19 -11.89 -3.87
N TYR B 42 -10.61 -11.16 -4.82
CA TYR B 42 -10.60 -9.72 -4.77
C TYR B 42 -11.70 -9.11 -5.63
N ILE B 43 -12.20 -7.96 -5.18
CA ILE B 43 -13.07 -7.11 -5.99
C ILE B 43 -12.30 -5.82 -6.25
N GLU B 44 -12.77 -5.05 -7.23
CA GLU B 44 -12.10 -3.82 -7.62
C GLU B 44 -13.10 -2.68 -7.71
N GLY B 45 -12.58 -1.46 -7.61
CA GLY B 45 -13.36 -0.25 -7.77
C GLY B 45 -12.48 0.87 -8.24
N LEU B 46 -13.14 1.97 -8.65
CA LEU B 46 -12.44 3.16 -9.12
C LEU B 46 -13.11 4.38 -8.53
N MET B 47 -12.33 5.18 -7.81
CA MET B 47 -12.82 6.40 -7.17
C MET B 47 -12.01 7.59 -7.67
N HIS B 48 -12.70 8.66 -8.03
CA HIS B 48 -12.07 9.86 -8.55
C HIS B 48 -11.91 10.89 -7.44
N ASN B 49 -11.20 11.97 -7.76
CA ASN B 49 -10.82 12.98 -6.77
C ASN B 49 -11.94 13.94 -6.39
N GLN B 50 -13.19 13.47 -6.28
CA GLN B 50 -14.25 14.32 -5.79
C GLN B 50 -13.95 14.78 -4.38
N ASP B 51 -14.20 16.07 -4.10
CA ASP B 51 -13.89 16.71 -2.82
C ASP B 51 -12.41 16.64 -2.49
N GLY B 52 -11.55 16.46 -3.50
CA GLY B 52 -10.14 16.30 -3.26
C GLY B 52 -9.80 15.13 -2.35
N LEU B 53 -10.64 14.10 -2.33
CA LEU B 53 -10.48 13.03 -1.35
C LEU B 53 -9.25 12.17 -1.63
N ILE B 54 -8.98 11.89 -2.91
CA ILE B 54 -7.88 10.97 -3.23
C ILE B 54 -6.54 11.60 -2.90
N CYS B 55 -6.32 12.84 -3.34
CA CYS B 55 -5.07 13.53 -2.99
C CYS B 55 -4.99 13.78 -1.49
N GLY B 56 -6.11 14.04 -0.83
CA GLY B 56 -6.11 14.16 0.62
C GLY B 56 -5.82 12.84 1.29
N LEU B 57 -6.33 11.74 0.73
CA LEU B 57 -6.09 10.42 1.31
C LEU B 57 -4.62 10.04 1.20
N ARG B 58 -3.98 10.33 0.07
CA ARG B 58 -2.56 10.05 -0.08
C ARG B 58 -1.74 10.82 0.94
N GLN B 59 -2.09 12.09 1.17
CA GLN B 59 -1.38 12.87 2.18
C GLN B 59 -1.66 12.35 3.59
N LEU B 60 -2.90 11.94 3.85
CA LEU B 60 -3.24 11.42 5.17
C LEU B 60 -2.46 10.16 5.49
N ALA B 61 -2.39 9.23 4.54
CA ALA B 61 -1.59 8.02 4.74
C ALA B 61 -0.13 8.36 4.98
N ASN B 62 0.39 9.35 4.27
CA ASN B 62 1.76 9.82 4.49
C ASN B 62 1.94 10.35 5.90
N GLU B 63 1.02 11.21 6.34
CA GLU B 63 1.13 11.82 7.66
C GLU B 63 0.88 10.80 8.77
N THR B 64 0.11 9.75 8.50
CA THR B 64 -0.19 8.74 9.52
C THR B 64 1.03 7.91 9.90
N THR B 65 2.04 7.85 9.02
CA THR B 65 3.10 6.87 9.16
C THR B 65 3.87 7.01 10.46
N GLN B 66 4.20 8.24 10.85
CA GLN B 66 5.01 8.44 12.07
C GLN B 66 4.29 7.88 13.29
N ALA B 67 3.03 8.27 13.49
CA ALA B 67 2.28 7.76 14.64
C ALA B 67 2.07 6.26 14.54
N LEU B 68 1.84 5.74 13.32
CA LEU B 68 1.63 4.31 13.16
C LEU B 68 2.90 3.53 13.45
N GLN B 69 4.04 4.03 12.95
CA GLN B 69 5.32 3.36 13.22
C GLN B 69 5.65 3.37 14.70
N LEU B 70 5.42 4.50 15.38
CA LEU B 70 5.68 4.58 16.80
C LEU B 70 4.76 3.64 17.58
N PHE B 71 3.52 3.47 17.11
CA PHE B 71 2.62 2.52 17.75
C PHE B 71 3.13 1.09 17.59
N LEU B 72 3.56 0.74 16.37
CA LEU B 72 4.04 -0.62 16.12
C LEU B 72 5.33 -0.92 16.86
N ARG B 73 6.16 0.11 17.09
CA ARG B 73 7.38 -0.08 17.87
C ARG B 73 7.06 -0.49 19.30
N ALA B 74 5.98 0.07 19.87
CA ALA B 74 5.66 -0.11 21.27
C ALA B 74 4.82 -1.35 21.56
N THR B 75 4.23 -1.97 20.53
CA THR B 75 3.44 -3.18 20.75
C THR B 75 4.31 -4.42 20.64
N THR B 76 3.94 -5.44 21.40
CA THR B 76 4.61 -6.74 21.34
C THR B 76 3.91 -7.72 20.41
N GLU B 77 2.74 -7.36 19.88
CA GLU B 77 2.08 -8.20 18.90
C GLU B 77 2.88 -8.22 17.60
N LEU B 78 3.02 -9.42 17.03
CA LEU B 78 3.72 -9.54 15.75
C LEU B 78 2.88 -8.98 14.61
N ARG B 79 1.56 -9.20 14.67
CA ARG B 79 0.64 -8.71 13.64
C ARG B 79 -0.51 -8.00 14.34
N THR B 80 -0.73 -6.73 14.00
CA THR B 80 -1.74 -5.91 14.64
C THR B 80 -3.00 -5.86 13.76
N PHE B 81 -4.11 -6.34 14.31
CA PHE B 81 -5.39 -6.36 13.61
C PHE B 81 -6.46 -5.53 14.32
N SER B 82 -6.11 -4.85 15.41
CA SER B 82 -7.10 -4.31 16.33
C SER B 82 -7.20 -2.79 16.33
N ILE B 83 -6.54 -2.11 15.39
CA ILE B 83 -6.53 -0.65 15.42
C ILE B 83 -7.93 -0.09 15.21
N LEU B 84 -8.70 -0.69 14.29
CA LEU B 84 -10.01 -0.15 13.97
C LEU B 84 -11.04 -0.45 15.07
N ASN B 85 -11.08 -1.70 15.53
CA ASN B 85 -11.94 -2.03 16.67
C ASN B 85 -11.59 -1.17 17.88
N ARG B 86 -10.30 -0.84 18.04
CA ARG B 86 -9.89 0.04 19.12
C ARG B 86 -10.47 1.44 18.96
N LYS B 87 -10.47 1.96 17.73
CA LYS B 87 -11.07 3.27 17.48
C LYS B 87 -12.56 3.25 17.78
N ALA B 88 -13.23 2.15 17.48
CA ALA B 88 -14.66 2.04 17.74
C ALA B 88 -14.95 2.05 19.24
N ILE B 89 -14.10 1.40 20.02
CA ILE B 89 -14.30 1.39 21.48
C ILE B 89 -14.04 2.77 22.06
N ASP B 90 -12.93 3.40 21.64
CA ASP B 90 -12.64 4.75 22.11
C ASP B 90 -13.71 5.74 21.66
N PHE B 91 -14.30 5.50 20.48
CA PHE B 91 -15.42 6.33 20.03
C PHE B 91 -16.58 6.26 21.01
N LEU B 92 -16.93 5.05 21.45
CA LEU B 92 -18.04 4.89 22.38
C LEU B 92 -17.68 5.36 23.78
N LEU B 93 -16.43 5.14 24.19
CA LEU B 93 -16.01 5.56 25.53
C LEU B 93 -16.00 7.08 25.67
N GLN B 94 -15.65 7.81 24.60
CA GLN B 94 -15.57 9.27 24.70
C GLN B 94 -16.94 9.91 24.79
N ARG B 95 -18.01 9.20 24.41
CA ARG B 95 -19.36 9.72 24.50
C ARG B 95 -20.17 9.11 25.62
N TRP B 96 -19.98 7.82 25.90
CA TRP B 96 -20.78 7.12 26.90
C TRP B 96 -19.94 6.52 28.02
N GLY B 97 -18.68 6.94 28.18
CA GLY B 97 -17.86 6.44 29.25
C GLY B 97 -18.19 7.02 30.61
N GLY B 98 -18.96 8.11 30.63
CA GLY B 98 -19.38 8.72 31.87
C GLY B 98 -20.86 9.08 31.81
N THR B 99 -21.33 9.67 32.90
CA THR B 99 -22.72 10.09 32.97
C THR B 99 -23.03 11.12 31.89
N CYS B 100 -24.15 10.93 31.21
CA CYS B 100 -24.57 11.80 30.11
C CYS B 100 -25.46 12.90 30.69
N HIS B 101 -24.91 14.09 30.85
CA HIS B 101 -25.66 15.24 31.34
C HIS B 101 -26.41 15.85 30.16
N ILE B 102 -27.74 15.70 30.16
CA ILE B 102 -28.56 16.22 29.07
C ILE B 102 -28.26 17.70 28.86
N LEU B 103 -28.17 18.10 27.59
CA LEU B 103 -27.94 19.44 27.08
C LEU B 103 -26.47 19.85 27.22
N GLY B 104 -25.65 19.11 27.95
CA GLY B 104 -24.23 19.38 27.99
C GLY B 104 -23.62 19.15 26.62
N PRO B 105 -22.43 19.72 26.39
CA PRO B 105 -21.83 19.60 25.05
C PRO B 105 -21.27 18.23 24.75
N ASP B 106 -20.95 17.43 25.76
CA ASP B 106 -20.38 16.11 25.57
C ASP B 106 -21.40 14.99 25.73
N CYS B 107 -22.70 15.30 25.74
CA CYS B 107 -23.76 14.30 25.87
C CYS B 107 -24.57 14.31 24.59
N CYS B 108 -24.52 13.20 23.85
CA CYS B 108 -25.18 13.10 22.55
C CYS B 108 -26.60 12.58 22.69
N ILE B 109 -27.40 13.30 23.47
CA ILE B 109 -28.81 12.99 23.65
C ILE B 109 -29.61 14.20 23.22
N GLU B 110 -30.51 14.01 22.24
CA GLU B 110 -31.37 15.08 21.77
C GLU B 110 -32.74 14.95 22.42
N PRO B 111 -33.07 15.77 23.41
CA PRO B 111 -34.36 15.64 24.10
C PRO B 111 -35.47 16.50 23.53
N HIS B 112 -35.31 17.06 22.32
CA HIS B 112 -36.28 18.02 21.79
C HIS B 112 -37.69 17.46 21.78
N ASP B 113 -37.86 16.29 21.17
CA ASP B 113 -39.20 15.69 21.08
C ASP B 113 -39.78 15.44 22.46
N LEU B 114 -38.94 15.03 23.41
CA LEU B 114 -39.41 14.82 24.78
C LEU B 114 -39.92 16.12 25.40
N THR B 115 -39.18 17.21 25.21
CA THR B 115 -39.55 18.49 25.81
C THR B 115 -40.89 18.99 25.27
N LYS B 116 -41.03 19.02 23.95
CA LYS B 116 -42.29 19.46 23.36
C LYS B 116 -43.43 18.54 23.77
N ASN B 117 -43.21 17.22 23.70
CA ASN B 117 -44.25 16.28 24.12
C ASN B 117 -44.67 16.53 25.57
N ILE B 118 -43.76 16.99 26.41
CA ILE B 118 -44.12 17.38 27.77
C ILE B 118 -44.71 18.79 27.78
N THR B 119 -44.15 19.69 26.95
CA THR B 119 -44.67 21.05 26.90
C THR B 119 -46.13 21.07 26.45
N ASP B 120 -46.44 20.41 25.33
CA ASP B 120 -47.82 20.44 24.87
C ASP B 120 -48.75 19.55 25.70
N LYS B 121 -48.24 18.84 26.70
CA LYS B 121 -49.12 18.15 27.64
C LYS B 121 -49.85 19.11 28.56
N ILE B 122 -49.34 20.33 28.74
CA ILE B 122 -50.01 21.31 29.59
C ILE B 122 -51.05 22.09 28.81
N ASP B 123 -51.18 21.83 27.50
CA ASP B 123 -52.05 22.62 26.65
C ASP B 123 -53.52 22.24 26.78
N GLN B 124 -53.87 21.39 27.75
CA GLN B 124 -55.28 21.14 28.03
C GLN B 124 -55.95 22.40 28.54
N ILE B 125 -55.29 23.10 29.46
CA ILE B 125 -55.78 24.38 29.96
C ILE B 125 -54.98 25.52 29.32
#